data_5VC4
#
_entry.id   5VC4
#
_cell.length_a   50.670
_cell.length_b   44.250
_cell.length_c   64.800
_cell.angle_alpha   90.000
_cell.angle_beta   101.730
_cell.angle_gamma   90.000
#
_symmetry.space_group_name_H-M   'P 1 21 1'
#
loop_
_entity.id
_entity.type
_entity.pdbx_description
1 polymer 'Wee1-like protein kinase'
2 non-polymer 4-[(3,5-DICHLORO-4-METHOXYPHENYL)AMINO]-6-METHOXY-7-[3-(4-METHYLPIPERAZIN-1-YL)PROPOXY]QUINOLINE-3-CARBONITRILE
3 non-polymer 'PHOSPHATE ION'
4 water water
#
_entity_poly.entity_id   1
_entity_poly.type   'polypeptide(L)'
_entity_poly.pdbx_seq_one_letter_code
;GAGSMKSRYTTEFHELEKIGSGEFGSVFKCVKRLDGCIYAIKRSKKPLAGSVDEQNALREVYAHAVLGQHSHVVRYFSAW
AEDDHMLIQNEYCNGGSLADAISENYRIMSYFKEAELKDLLLQVGRGLRYIHSMSLVHMDIKPSNIFISRTSIPNAASEE
GDEDDWASNKVMFKIGDLGHVTRISSPQVEEGDSRFLANEVLQENYTHLPKADIFALALTVVCAAGAEPLPRNGDQWHEI
RQGRLPRIPQVLSQEFTELLKVMIHPDPERRPSAMALVKHSVLLSASRK
;
_entity_poly.pdbx_strand_id   A
#
# COMPACT_ATOMS: atom_id res chain seq x y z
N SER A 7 -15.96 3.27 -27.35
CA SER A 7 -14.68 2.89 -26.78
C SER A 7 -14.75 1.49 -26.16
N ARG A 8 -13.59 0.89 -25.91
CA ARG A 8 -13.53 -0.39 -25.23
C ARG A 8 -14.11 -0.29 -23.83
N TYR A 9 -13.84 0.84 -23.18
CA TYR A 9 -14.36 1.11 -21.83
C TYR A 9 -15.88 1.03 -21.79
N THR A 10 -16.53 1.77 -22.68
CA THR A 10 -17.99 1.80 -22.74
C THR A 10 -18.55 0.47 -23.23
N THR A 11 -17.85 -0.16 -24.16
CA THR A 11 -18.31 -1.41 -24.77
C THR A 11 -18.19 -2.60 -23.82
N GLU A 12 -17.07 -2.67 -23.10
CA GLU A 12 -16.80 -3.81 -22.23
C GLU A 12 -17.43 -3.65 -20.85
N PHE A 13 -17.55 -2.42 -20.39
CA PHE A 13 -18.03 -2.17 -19.02
C PHE A 13 -19.19 -1.19 -18.96
N HIS A 14 -19.95 -1.28 -17.87
CA HIS A 14 -20.95 -0.26 -17.54
C HIS A 14 -20.52 0.44 -16.26
N GLU A 15 -20.36 1.76 -16.35
CA GLU A 15 -19.89 2.58 -15.24
C GLU A 15 -20.99 2.83 -14.21
N LEU A 16 -20.78 2.34 -12.99
CA LEU A 16 -21.80 2.47 -11.94
C LEU A 16 -21.68 3.77 -11.16
N GLU A 17 -20.48 4.07 -10.67
CA GLU A 17 -20.26 5.28 -9.89
C GLU A 17 -18.77 5.61 -9.76
N LYS A 18 -18.46 6.89 -9.63
CA LYS A 18 -17.10 7.31 -9.34
C LYS A 18 -16.85 7.17 -7.85
N ILE A 19 -15.81 6.41 -7.49
CA ILE A 19 -15.52 6.11 -6.09
C ILE A 19 -14.25 6.80 -5.61
N GLY A 20 -13.48 7.31 -6.55
CA GLY A 20 -12.24 8.00 -6.23
C GLY A 20 -11.86 9.02 -7.28
N SER A 21 -11.29 10.13 -6.84
CA SER A 21 -10.80 11.16 -7.74
C SER A 21 -9.55 11.82 -7.16
N GLY A 22 -8.85 12.58 -8.00
CA GLY A 22 -7.63 13.24 -7.60
C GLY A 22 -6.74 13.52 -8.79
N GLU A 23 -5.49 13.91 -8.52
CA GLU A 23 -4.54 14.24 -9.56
C GLU A 23 -4.17 12.99 -10.37
N PHE A 24 -4.28 11.83 -9.74
CA PHE A 24 -3.96 10.56 -10.38
C PHE A 24 -5.01 10.13 -11.41
N GLY A 25 -6.08 10.90 -11.50
CA GLY A 25 -7.20 10.54 -12.36
C GLY A 25 -8.42 10.24 -11.51
N SER A 26 -9.24 9.29 -11.95
CA SER A 26 -10.41 8.90 -11.17
C SER A 26 -10.67 7.40 -11.26
N VAL A 27 -11.20 6.84 -10.18
CA VAL A 27 -11.50 5.42 -10.11
C VAL A 27 -13.00 5.16 -10.15
N PHE A 28 -13.42 4.25 -11.02
CA PHE A 28 -14.83 3.94 -11.16
C PHE A 28 -15.16 2.50 -10.77
N LYS A 29 -16.29 2.35 -10.07
CA LYS A 29 -16.86 1.03 -9.85
C LYS A 29 -17.63 0.64 -11.10
N CYS A 30 -17.22 -0.45 -11.74
CA CYS A 30 -17.82 -0.85 -13.01
C CYS A 30 -18.26 -2.31 -13.01
N VAL A 31 -19.27 -2.59 -13.82
CA VAL A 31 -19.68 -3.97 -14.07
C VAL A 31 -19.25 -4.38 -15.47
N LYS A 32 -18.50 -5.47 -15.56
CA LYS A 32 -18.15 -6.02 -16.86
C LYS A 32 -19.36 -6.74 -17.44
N ARG A 33 -19.77 -6.34 -18.63
CA ARG A 33 -20.99 -6.86 -19.24
C ARG A 33 -20.92 -8.36 -19.50
N LEU A 34 -19.73 -8.86 -19.78
CA LEU A 34 -19.56 -10.26 -20.18
C LEU A 34 -19.70 -11.23 -19.02
N ASP A 35 -19.13 -10.90 -17.86
CA ASP A 35 -19.14 -11.81 -16.73
C ASP A 35 -20.04 -11.32 -15.59
N GLY A 36 -20.44 -10.06 -15.65
CA GLY A 36 -21.32 -9.48 -14.64
C GLY A 36 -20.63 -9.20 -13.32
N CYS A 37 -19.30 -9.26 -13.33
CA CYS A 37 -18.52 -9.02 -12.12
C CYS A 37 -18.18 -7.54 -11.93
N ILE A 38 -17.88 -7.17 -10.69
CA ILE A 38 -17.56 -5.79 -10.36
C ILE A 38 -16.05 -5.56 -10.41
N TYR A 39 -15.64 -4.47 -11.05
CA TYR A 39 -14.22 -4.12 -11.13
C TYR A 39 -13.99 -2.65 -10.79
N ALA A 40 -12.80 -2.36 -10.29
CA ALA A 40 -12.37 -0.97 -10.10
C ALA A 40 -11.50 -0.57 -11.28
N ILE A 41 -11.90 0.48 -11.97
CA ILE A 41 -11.16 0.95 -13.14
C ILE A 41 -10.66 2.38 -12.97
N LYS A 42 -9.35 2.57 -13.06
CA LYS A 42 -8.79 3.91 -12.97
C LYS A 42 -8.66 4.51 -14.35
N ARG A 43 -9.24 5.69 -14.53
CA ARG A 43 -9.21 6.39 -15.80
C ARG A 43 -8.47 7.71 -15.66
N SER A 44 -7.38 7.86 -16.40
CA SER A 44 -6.56 9.05 -16.30
C SER A 44 -6.07 9.52 -17.66
N LYS A 45 -5.64 10.77 -17.73
CA LYS A 45 -5.04 11.30 -18.95
C LYS A 45 -3.79 10.49 -19.27
N LYS A 46 -3.58 10.20 -20.55
CA LYS A 46 -2.37 9.51 -20.97
C LYS A 46 -1.19 10.41 -20.67
N PRO A 47 -0.31 9.96 -19.75
CA PRO A 47 0.80 10.78 -19.24
C PRO A 47 1.74 11.25 -20.35
N LEU A 48 2.41 12.37 -20.10
CA LEU A 48 3.36 12.92 -21.05
C LEU A 48 4.55 11.98 -21.21
N ALA A 49 4.98 11.77 -22.46
CA ALA A 49 6.10 10.90 -22.74
C ALA A 49 7.39 11.42 -22.11
N GLY A 50 7.97 10.65 -21.21
CA GLY A 50 9.21 11.02 -20.56
C GLY A 50 9.00 11.62 -19.17
N SER A 51 7.75 11.80 -18.79
CA SER A 51 7.41 12.36 -17.49
C SER A 51 7.44 11.30 -16.39
N VAL A 52 7.29 11.74 -15.14
CA VAL A 52 7.26 10.84 -14.01
C VAL A 52 5.95 10.06 -13.96
N ASP A 53 4.87 10.69 -14.41
CA ASP A 53 3.56 10.06 -14.47
C ASP A 53 3.56 8.88 -15.43
N GLU A 54 4.38 8.98 -16.49
CA GLU A 54 4.48 7.90 -17.45
C GLU A 54 5.21 6.70 -16.86
N GLN A 55 6.40 6.96 -16.31
CA GLN A 55 7.23 5.91 -15.74
C GLN A 55 6.57 5.35 -14.47
N ASN A 56 5.73 6.15 -13.83
CA ASN A 56 4.87 5.67 -12.76
C ASN A 56 3.89 4.63 -13.29
N ALA A 57 3.26 4.95 -14.42
CA ALA A 57 2.32 4.04 -15.05
C ALA A 57 3.07 2.85 -15.64
N LEU A 58 4.28 3.09 -16.12
CA LEU A 58 5.12 2.03 -16.65
C LEU A 58 5.44 1.01 -15.56
N ARG A 59 5.77 1.51 -14.38
CA ARG A 59 6.09 0.65 -13.25
C ARG A 59 4.89 -0.19 -12.82
N GLU A 60 3.70 0.39 -12.89
CA GLU A 60 2.48 -0.32 -12.52
C GLU A 60 2.21 -1.50 -13.45
N VAL A 61 2.16 -1.23 -14.75
CA VAL A 61 1.83 -2.26 -15.74
C VAL A 61 2.93 -3.33 -15.83
N TYR A 62 4.19 -2.91 -15.68
CA TYR A 62 5.30 -3.84 -15.83
C TYR A 62 5.55 -4.66 -14.56
N ALA A 63 4.93 -4.25 -13.45
CA ALA A 63 5.05 -4.99 -12.20
C ALA A 63 4.23 -6.28 -12.25
N HIS A 64 3.08 -6.22 -12.93
CA HIS A 64 2.20 -7.37 -13.04
C HIS A 64 2.73 -8.39 -14.04
N ALA A 65 3.65 -7.97 -14.89
CA ALA A 65 4.34 -8.88 -15.78
C ALA A 65 5.17 -9.86 -14.95
N VAL A 66 5.64 -9.38 -13.81
CA VAL A 66 6.42 -10.18 -12.89
C VAL A 66 5.54 -10.82 -11.83
N LEU A 67 4.69 -9.99 -11.22
CA LEU A 67 3.84 -10.46 -10.13
C LEU A 67 2.73 -11.36 -10.63
N GLY A 68 2.62 -12.51 -10.00
CA GLY A 68 1.47 -13.36 -10.24
C GLY A 68 0.35 -13.00 -9.30
N GLN A 69 -0.67 -13.84 -9.29
CA GLN A 69 -1.85 -13.65 -8.46
C GLN A 69 -1.51 -13.94 -7.00
N HIS A 70 -1.83 -13.02 -6.11
CA HIS A 70 -1.65 -13.23 -4.67
C HIS A 70 -2.81 -12.66 -3.87
N SER A 71 -3.22 -13.37 -2.82
CA SER A 71 -4.43 -13.02 -2.06
C SER A 71 -4.29 -11.75 -1.22
N HIS A 72 -3.08 -11.21 -1.14
CA HIS A 72 -2.85 -9.98 -0.40
C HIS A 72 -2.24 -8.92 -1.29
N VAL A 73 -2.39 -9.11 -2.59
CA VAL A 73 -2.08 -8.09 -3.58
C VAL A 73 -3.33 -7.91 -4.43
N VAL A 74 -3.73 -6.66 -4.67
CA VAL A 74 -4.89 -6.38 -5.50
C VAL A 74 -4.71 -6.98 -6.88
N ARG A 75 -5.62 -7.87 -7.28
CA ARG A 75 -5.52 -8.55 -8.56
C ARG A 75 -5.64 -7.60 -9.74
N TYR A 76 -4.75 -7.77 -10.70
CA TYR A 76 -4.75 -6.98 -11.92
C TYR A 76 -5.34 -7.81 -13.06
N PHE A 77 -6.14 -7.18 -13.90
CA PHE A 77 -6.79 -7.89 -14.99
C PHE A 77 -6.29 -7.43 -16.37
N SER A 78 -6.38 -6.13 -16.62
CA SER A 78 -5.86 -5.58 -17.88
C SER A 78 -5.66 -4.07 -17.81
N ALA A 79 -4.89 -3.56 -18.76
CA ALA A 79 -4.69 -2.12 -18.90
C ALA A 79 -4.60 -1.78 -20.38
N TRP A 80 -5.12 -0.61 -20.75
CA TRP A 80 -5.07 -0.18 -22.14
C TRP A 80 -5.17 1.33 -22.26
N ALA A 81 -4.94 1.83 -23.47
CA ALA A 81 -5.04 3.25 -23.73
C ALA A 81 -5.94 3.51 -24.94
N GLU A 82 -6.71 4.59 -24.86
CA GLU A 82 -7.62 4.98 -25.94
C GLU A 82 -8.10 6.42 -25.73
N ASP A 83 -8.26 7.15 -26.82
CA ASP A 83 -8.76 8.53 -26.79
C ASP A 83 -7.94 9.40 -25.83
N ASP A 84 -6.61 9.27 -25.92
CA ASP A 84 -5.67 10.00 -25.07
C ASP A 84 -5.95 9.79 -23.58
N HIS A 85 -6.40 8.58 -23.25
CA HIS A 85 -6.65 8.21 -21.86
C HIS A 85 -6.05 6.84 -21.55
N MET A 86 -5.70 6.63 -20.29
CA MET A 86 -5.16 5.35 -19.84
C MET A 86 -6.13 4.71 -18.85
N LEU A 87 -6.40 3.43 -19.04
CA LEU A 87 -7.34 2.73 -18.17
C LEU A 87 -6.75 1.45 -17.59
N ILE A 88 -6.88 1.29 -16.28
CA ILE A 88 -6.39 0.12 -15.59
C ILE A 88 -7.53 -0.60 -14.88
N GLN A 89 -7.75 -1.86 -15.22
CA GLN A 89 -8.83 -2.64 -14.64
C GLN A 89 -8.33 -3.55 -13.53
N ASN A 90 -8.76 -3.28 -12.30
CA ASN A 90 -8.37 -4.08 -11.15
C ASN A 90 -9.54 -4.73 -10.44
N GLU A 91 -9.21 -5.64 -9.53
CA GLU A 91 -10.16 -6.23 -8.60
C GLU A 91 -10.86 -5.15 -7.80
N TYR A 92 -12.17 -5.30 -7.58
CA TYR A 92 -12.92 -4.36 -6.77
C TYR A 92 -12.94 -4.81 -5.31
N CYS A 93 -12.40 -3.98 -4.42
CA CYS A 93 -12.37 -4.28 -3.00
C CYS A 93 -13.48 -3.50 -2.29
N ASN A 94 -14.54 -4.21 -1.90
CA ASN A 94 -15.76 -3.56 -1.41
C ASN A 94 -15.61 -2.87 -0.05
N GLY A 95 -14.47 -3.07 0.59
CA GLY A 95 -14.21 -2.42 1.87
C GLY A 95 -13.50 -1.09 1.70
N GLY A 96 -13.14 -0.77 0.46
CA GLY A 96 -12.43 0.46 0.17
C GLY A 96 -10.99 0.39 0.65
N SER A 97 -10.37 1.55 0.82
CA SER A 97 -8.99 1.60 1.28
C SER A 97 -8.93 1.65 2.80
N LEU A 98 -7.78 1.27 3.35
CA LEU A 98 -7.55 1.35 4.79
C LEU A 98 -7.65 2.80 5.26
N ALA A 99 -7.25 3.73 4.40
CA ALA A 99 -7.30 5.15 4.72
C ALA A 99 -8.72 5.63 4.99
N ASP A 100 -9.65 5.21 4.14
CA ASP A 100 -11.06 5.58 4.32
C ASP A 100 -11.65 4.91 5.54
N ALA A 101 -11.23 3.68 5.79
CA ALA A 101 -11.70 2.94 6.97
C ALA A 101 -11.24 3.63 8.25
N ILE A 102 -10.01 4.14 8.25
CA ILE A 102 -9.47 4.88 9.38
C ILE A 102 -10.28 6.16 9.61
N SER A 103 -10.56 6.87 8.52
CA SER A 103 -11.36 8.09 8.58
C SER A 103 -12.76 7.79 9.09
N GLU A 104 -13.34 6.69 8.64
CA GLU A 104 -14.67 6.28 9.07
C GLU A 104 -14.68 5.92 10.55
N ASN A 105 -13.61 5.28 11.01
CA ASN A 105 -13.45 4.98 12.43
C ASN A 105 -13.47 6.24 13.26
N TYR A 106 -12.75 7.26 12.79
CA TYR A 106 -12.67 8.54 13.47
C TYR A 106 -14.04 9.23 13.53
N ARG A 107 -14.81 9.09 12.46
CA ARG A 107 -16.10 9.75 12.36
C ARG A 107 -17.11 9.19 13.36
N ILE A 108 -17.26 7.87 13.37
CA ILE A 108 -18.26 7.21 14.21
C ILE A 108 -17.68 6.75 15.54
N MET A 109 -16.43 7.12 15.80
CA MET A 109 -15.74 6.78 17.04
C MET A 109 -15.61 5.28 17.26
N SER A 110 -15.26 4.55 16.22
CA SER A 110 -14.92 3.14 16.36
C SER A 110 -13.40 3.00 16.28
N TYR A 111 -12.91 1.77 16.26
CA TYR A 111 -11.47 1.54 16.17
C TYR A 111 -11.13 0.11 15.80
N PHE A 112 -9.86 -0.13 15.49
CA PHE A 112 -9.36 -1.47 15.26
C PHE A 112 -8.78 -2.04 16.56
N LYS A 113 -9.36 -3.14 17.03
CA LYS A 113 -8.84 -3.82 18.21
C LYS A 113 -7.42 -4.29 17.97
N GLU A 114 -6.69 -4.62 19.04
CA GLU A 114 -5.30 -5.04 18.93
C GLU A 114 -5.18 -6.28 18.04
N ALA A 115 -6.14 -7.18 18.16
CA ALA A 115 -6.17 -8.39 17.34
C ALA A 115 -6.32 -8.03 15.86
N GLU A 116 -7.20 -7.09 15.58
CA GLU A 116 -7.44 -6.65 14.21
C GLU A 116 -6.22 -5.96 13.62
N LEU A 117 -5.46 -5.28 14.47
CA LEU A 117 -4.24 -4.61 14.06
C LEU A 117 -3.14 -5.61 13.70
N LYS A 118 -3.04 -6.66 14.49
CA LYS A 118 -2.07 -7.73 14.24
C LYS A 118 -2.47 -8.49 12.98
N ASP A 119 -3.77 -8.61 12.75
CA ASP A 119 -4.29 -9.25 11.56
C ASP A 119 -3.89 -8.44 10.32
N LEU A 120 -3.98 -7.13 10.42
CA LEU A 120 -3.59 -6.23 9.34
C LEU A 120 -2.10 -6.32 9.05
N LEU A 121 -1.29 -6.34 10.10
CA LEU A 121 0.16 -6.41 9.97
C LEU A 121 0.60 -7.71 9.31
N LEU A 122 -0.03 -8.81 9.71
CA LEU A 122 0.30 -10.13 9.17
C LEU A 122 -0.06 -10.26 7.70
N GLN A 123 -1.29 -9.86 7.36
CA GLN A 123 -1.79 -10.01 6.00
C GLN A 123 -1.00 -9.18 4.99
N VAL A 124 -0.77 -7.90 5.29
CA VAL A 124 0.04 -7.06 4.42
C VAL A 124 1.48 -7.56 4.44
N GLY A 125 1.89 -8.13 5.57
CA GLY A 125 3.20 -8.74 5.69
C GLY A 125 3.36 -9.89 4.70
N ARG A 126 2.30 -10.69 4.56
CA ARG A 126 2.31 -11.79 3.61
C ARG A 126 2.39 -11.27 2.17
N GLY A 127 1.74 -10.15 1.92
CA GLY A 127 1.79 -9.51 0.62
C GLY A 127 3.19 -9.02 0.30
N LEU A 128 3.84 -8.42 1.29
CA LEU A 128 5.20 -7.93 1.13
C LEU A 128 6.19 -9.06 0.91
N ARG A 129 5.98 -10.17 1.62
CA ARG A 129 6.86 -11.33 1.51
C ARG A 129 6.88 -11.86 0.08
N TYR A 130 5.71 -11.93 -0.54
CA TYR A 130 5.61 -12.42 -1.90
C TYR A 130 6.28 -11.46 -2.90
N ILE A 131 5.96 -10.18 -2.78
CA ILE A 131 6.53 -9.17 -3.66
C ILE A 131 8.05 -9.17 -3.58
N HIS A 132 8.58 -9.23 -2.35
CA HIS A 132 10.02 -9.24 -2.13
C HIS A 132 10.67 -10.50 -2.68
N SER A 133 9.93 -11.61 -2.66
CA SER A 133 10.45 -12.88 -3.17
C SER A 133 10.53 -12.86 -4.70
N MET A 134 9.86 -11.89 -5.31
CA MET A 134 9.93 -11.69 -6.75
C MET A 134 10.97 -10.62 -7.07
N SER A 135 11.83 -10.34 -6.10
CA SER A 135 12.91 -9.36 -6.22
C SER A 135 12.37 -7.96 -6.54
N LEU A 136 11.20 -7.65 -5.99
CA LEU A 136 10.60 -6.32 -6.15
C LEU A 136 10.35 -5.67 -4.79
N VAL A 137 10.19 -4.35 -4.81
CA VAL A 137 9.81 -3.61 -3.60
C VAL A 137 8.71 -2.62 -3.96
N HIS A 138 7.76 -2.42 -3.04
CA HIS A 138 6.58 -1.60 -3.32
C HIS A 138 6.90 -0.11 -3.32
N MET A 139 7.62 0.33 -2.28
CA MET A 139 8.14 1.70 -2.16
C MET A 139 7.07 2.78 -1.98
N ASP A 140 5.85 2.39 -1.63
CA ASP A 140 4.82 3.38 -1.31
C ASP A 140 3.71 2.77 -0.45
N ILE A 141 4.11 1.98 0.54
CA ILE A 141 3.16 1.37 1.46
C ILE A 141 2.58 2.42 2.41
N LYS A 142 1.25 2.54 2.38
CA LYS A 142 0.53 3.49 3.23
C LYS A 142 -0.96 3.12 3.19
N PRO A 143 -1.74 3.56 4.20
CA PRO A 143 -3.17 3.25 4.31
C PRO A 143 -3.96 3.42 3.01
N SER A 144 -3.68 4.47 2.25
CA SER A 144 -4.40 4.73 1.02
C SER A 144 -4.08 3.71 -0.07
N ASN A 145 -2.99 2.97 0.12
CA ASN A 145 -2.60 1.95 -0.86
C ASN A 145 -2.86 0.54 -0.35
N ILE A 146 -3.56 0.44 0.77
CA ILE A 146 -4.02 -0.85 1.28
C ILE A 146 -5.52 -0.95 1.11
N PHE A 147 -6.00 -2.03 0.50
CA PHE A 147 -7.42 -2.14 0.20
C PHE A 147 -8.07 -3.35 0.88
N ILE A 148 -9.37 -3.23 1.14
CA ILE A 148 -10.08 -4.19 1.97
C ILE A 148 -11.19 -4.92 1.23
N SER A 149 -11.20 -6.25 1.34
CA SER A 149 -12.29 -7.06 0.82
C SER A 149 -13.00 -7.75 1.99
N ARG A 150 -14.33 -7.72 1.97
CA ARG A 150 -15.11 -8.26 3.08
C ARG A 150 -16.09 -9.34 2.62
N THR A 151 -16.73 -9.99 3.59
CA THR A 151 -17.67 -11.09 3.35
C THR A 151 -17.03 -12.22 2.54
N LYS A 170 -13.06 -13.52 6.41
CA LYS A 170 -14.07 -12.65 5.83
C LYS A 170 -13.59 -11.20 5.71
N VAL A 171 -12.33 -10.99 6.09
CA VAL A 171 -11.66 -9.71 5.87
C VAL A 171 -10.30 -9.96 5.25
N MET A 172 -10.08 -9.42 4.05
CA MET A 172 -8.82 -9.60 3.34
C MET A 172 -8.17 -8.26 3.05
N PHE A 173 -6.95 -8.07 3.54
CA PHE A 173 -6.19 -6.86 3.25
C PHE A 173 -5.29 -7.10 2.04
N LYS A 174 -5.33 -6.18 1.08
CA LYS A 174 -4.60 -6.35 -0.17
C LYS A 174 -3.78 -5.11 -0.52
N ILE A 175 -2.55 -5.33 -0.97
CA ILE A 175 -1.67 -4.26 -1.40
C ILE A 175 -2.03 -3.80 -2.82
N GLY A 176 -2.21 -2.50 -2.99
CA GLY A 176 -2.54 -1.94 -4.29
C GLY A 176 -1.62 -0.80 -4.69
N ASP A 177 -1.92 -0.18 -5.83
CA ASP A 177 -1.15 0.94 -6.37
C ASP A 177 0.33 0.61 -6.50
N LEU A 178 0.70 -0.01 -7.61
CA LEU A 178 2.08 -0.44 -7.82
C LEU A 178 2.88 0.57 -8.62
N GLY A 179 2.50 1.84 -8.51
CA GLY A 179 3.13 2.91 -9.27
C GLY A 179 4.56 3.22 -8.86
N HIS A 180 5.00 2.69 -7.72
CA HIS A 180 6.34 2.94 -7.23
C HIS A 180 7.17 1.66 -7.13
N VAL A 181 6.63 0.56 -7.63
CA VAL A 181 7.33 -0.73 -7.58
C VAL A 181 8.58 -0.72 -8.44
N THR A 182 9.70 -1.14 -7.84
CA THR A 182 10.96 -1.24 -8.56
C THR A 182 11.74 -2.47 -8.10
N ARG A 183 12.85 -2.77 -8.78
CA ARG A 183 13.67 -3.92 -8.44
C ARG A 183 14.49 -3.73 -7.18
N ILE A 184 14.80 -4.84 -6.52
CA ILE A 184 15.71 -4.82 -5.39
C ILE A 184 17.15 -4.62 -5.85
N SER A 185 17.63 -5.54 -6.67
CA SER A 185 19.02 -5.55 -7.12
C SER A 185 19.26 -4.64 -8.32
N SER A 186 18.24 -3.87 -8.71
CA SER A 186 18.41 -2.85 -9.74
C SER A 186 17.64 -1.58 -9.38
N PRO A 187 18.09 -0.87 -8.33
CA PRO A 187 17.36 0.26 -7.75
C PRO A 187 17.16 1.45 -8.67
N GLN A 188 15.93 1.66 -9.11
CA GLN A 188 15.50 2.90 -9.73
C GLN A 188 14.39 3.49 -8.87
N VAL A 189 14.77 4.36 -7.94
CA VAL A 189 13.87 4.75 -6.87
C VAL A 189 13.17 6.11 -7.07
N GLU A 190 11.84 6.06 -7.14
CA GLU A 190 11.02 7.25 -7.02
C GLU A 190 10.39 7.23 -5.64
N GLU A 191 10.77 8.19 -4.81
CA GLU A 191 10.36 8.21 -3.41
C GLU A 191 8.85 8.29 -3.23
N GLY A 192 8.34 7.62 -2.21
CA GLY A 192 6.93 7.63 -1.89
C GLY A 192 6.61 8.74 -0.89
N ASP A 193 5.44 8.63 -0.26
CA ASP A 193 4.97 9.60 0.72
C ASP A 193 6.02 9.81 1.82
N SER A 194 6.35 11.07 2.07
CA SER A 194 7.41 11.41 3.03
C SER A 194 7.03 11.05 4.46
N ARG A 195 5.74 10.90 4.72
CA ARG A 195 5.25 10.55 6.04
C ARG A 195 5.60 9.12 6.42
N PHE A 196 5.83 8.28 5.40
CA PHE A 196 6.10 6.87 5.61
C PHE A 196 7.50 6.49 5.12
N LEU A 197 8.27 7.51 4.75
CA LEU A 197 9.57 7.28 4.13
C LEU A 197 10.68 7.05 5.15
N ALA A 198 11.34 5.90 5.04
CA ALA A 198 12.50 5.60 5.86
C ALA A 198 13.64 6.56 5.53
N ASN A 199 14.41 6.94 6.54
CA ASN A 199 15.43 7.97 6.38
C ASN A 199 16.55 7.58 5.42
N GLU A 200 16.87 6.29 5.34
CA GLU A 200 17.97 5.85 4.50
C GLU A 200 17.64 5.98 3.01
N VAL A 201 16.35 5.92 2.68
CA VAL A 201 15.91 6.13 1.30
C VAL A 201 16.09 7.59 0.94
N LEU A 202 15.77 8.47 1.90
CA LEU A 202 15.96 9.90 1.73
C LEU A 202 17.45 10.22 1.59
N GLN A 203 18.29 9.39 2.20
CA GLN A 203 19.74 9.54 2.11
C GLN A 203 20.30 8.88 0.86
N GLU A 204 19.39 8.49 -0.04
CA GLU A 204 19.75 7.88 -1.32
C GLU A 204 20.54 6.58 -1.13
N ASN A 205 20.22 5.85 -0.06
CA ASN A 205 20.79 4.54 0.21
C ASN A 205 19.77 3.45 -0.14
N TYR A 206 19.99 2.78 -1.26
CA TYR A 206 19.02 1.81 -1.75
C TYR A 206 19.51 0.37 -1.65
N THR A 207 20.40 0.12 -0.70
CA THR A 207 20.98 -1.22 -0.54
C THR A 207 20.05 -2.16 0.21
N HIS A 208 19.06 -1.61 0.90
CA HIS A 208 18.13 -2.42 1.69
C HIS A 208 16.68 -1.95 1.52
N LEU A 209 16.24 -1.82 0.27
CA LEU A 209 14.90 -1.34 -0.03
C LEU A 209 13.74 -2.17 0.55
N PRO A 210 13.87 -3.50 0.63
CA PRO A 210 12.80 -4.25 1.30
C PRO A 210 12.49 -3.77 2.72
N LYS A 211 13.52 -3.29 3.41
CA LYS A 211 13.36 -2.81 4.79
C LYS A 211 12.67 -1.45 4.83
N ALA A 212 12.62 -0.78 3.68
CA ALA A 212 11.88 0.48 3.59
C ALA A 212 10.39 0.21 3.59
N ASP A 213 9.98 -0.88 2.94
CA ASP A 213 8.58 -1.31 2.94
C ASP A 213 8.16 -1.72 4.34
N ILE A 214 9.06 -2.38 5.06
CA ILE A 214 8.82 -2.79 6.43
C ILE A 214 8.59 -1.57 7.32
N PHE A 215 9.43 -0.56 7.13
CA PHE A 215 9.33 0.71 7.86
C PHE A 215 7.96 1.35 7.66
N ALA A 216 7.53 1.44 6.40
CA ALA A 216 6.27 2.08 6.05
C ALA A 216 5.07 1.30 6.59
N LEU A 217 5.18 -0.03 6.58
CA LEU A 217 4.11 -0.89 7.06
C LEU A 217 3.84 -0.67 8.55
N ALA A 218 4.91 -0.49 9.32
CA ALA A 218 4.79 -0.25 10.75
C ALA A 218 4.00 1.04 11.02
N LEU A 219 4.37 2.11 10.30
CA LEU A 219 3.69 3.38 10.47
C LEU A 219 2.26 3.32 9.93
N THR A 220 2.04 2.44 8.95
CA THR A 220 0.71 2.22 8.40
C THR A 220 -0.19 1.61 9.47
N VAL A 221 0.35 0.65 10.23
CA VAL A 221 -0.38 0.03 11.32
C VAL A 221 -0.58 1.02 12.46
N VAL A 222 0.46 1.81 12.73
CA VAL A 222 0.38 2.87 13.74
C VAL A 222 -0.74 3.84 13.41
N CYS A 223 -0.91 4.13 12.11
CA CYS A 223 -2.03 4.96 11.66
C CYS A 223 -3.37 4.30 11.96
N ALA A 224 -3.45 2.99 11.70
CA ALA A 224 -4.67 2.24 11.92
C ALA A 224 -4.99 2.12 13.40
N ALA A 225 -3.96 2.24 14.24
CA ALA A 225 -4.13 2.13 15.69
C ALA A 225 -4.71 3.41 16.29
N GLY A 226 -4.86 4.44 15.46
CA GLY A 226 -5.50 5.67 15.89
C GLY A 226 -4.55 6.78 16.27
N ALA A 227 -3.30 6.70 15.78
CA ALA A 227 -2.32 7.75 16.06
C ALA A 227 -2.65 9.04 15.32
N GLU A 228 -2.17 10.16 15.85
CA GLU A 228 -2.34 11.46 15.20
C GLU A 228 -1.63 11.45 13.85
N PRO A 229 -2.13 12.26 12.90
CA PRO A 229 -1.54 12.39 11.56
C PRO A 229 -0.01 12.53 11.56
N LEU A 230 0.65 11.70 10.74
CA LEU A 230 2.10 11.67 10.70
C LEU A 230 2.68 12.94 10.08
N PRO A 231 3.81 13.42 10.62
CA PRO A 231 4.48 14.61 10.11
C PRO A 231 5.07 14.39 8.72
N ARG A 232 5.06 15.43 7.89
CA ARG A 232 5.63 15.34 6.55
C ARG A 232 7.11 15.66 6.58
N ASN A 233 7.50 16.47 7.56
CA ASN A 233 8.88 16.88 7.76
C ASN A 233 9.01 17.59 9.11
N GLY A 234 10.20 18.09 9.42
CA GLY A 234 10.40 18.80 10.66
C GLY A 234 10.88 17.94 11.81
N ASP A 235 10.62 18.38 13.03
CA ASP A 235 11.20 17.79 14.23
C ASP A 235 10.69 16.39 14.53
N GLN A 236 9.38 16.24 14.70
CA GLN A 236 8.81 14.95 15.06
C GLN A 236 8.91 13.95 13.92
N TRP A 237 9.23 14.44 12.72
CA TRP A 237 9.54 13.57 11.60
C TRP A 237 10.85 12.84 11.92
N HIS A 238 11.83 13.60 12.38
CA HIS A 238 13.15 13.05 12.69
C HIS A 238 13.10 12.14 13.91
N GLU A 239 12.29 12.51 14.90
CA GLU A 239 12.16 11.71 16.10
C GLU A 239 11.69 10.29 15.78
N ILE A 240 10.77 10.20 14.82
CA ILE A 240 10.28 8.91 14.36
C ILE A 240 11.39 8.13 13.66
N ARG A 241 12.20 8.84 12.88
CA ARG A 241 13.30 8.21 12.15
C ARG A 241 14.44 7.86 13.10
N GLN A 242 14.39 8.41 14.31
CA GLN A 242 15.33 8.05 15.37
C GLN A 242 14.92 6.72 15.99
N GLY A 243 13.73 6.25 15.64
CA GLY A 243 13.23 4.98 16.15
C GLY A 243 12.16 5.16 17.21
N ARG A 244 11.64 6.37 17.34
CA ARG A 244 10.59 6.63 18.32
C ARG A 244 9.20 6.38 17.74
N LEU A 245 8.48 5.48 18.40
CA LEU A 245 7.13 5.10 17.99
C LEU A 245 6.13 6.19 18.34
N PRO A 246 5.36 6.67 17.35
CA PRO A 246 4.34 7.69 17.57
C PRO A 246 3.34 7.30 18.65
N ARG A 247 2.80 8.29 19.36
CA ARG A 247 1.87 8.04 20.46
C ARG A 247 0.60 7.36 19.97
N ILE A 248 0.25 6.24 20.60
CA ILE A 248 -0.96 5.49 20.27
C ILE A 248 -1.96 5.61 21.43
N PRO A 249 -3.18 6.07 21.12
CA PRO A 249 -4.20 6.36 22.15
C PRO A 249 -4.83 5.12 22.79
N GLN A 250 -4.58 3.94 22.25
CA GLN A 250 -5.19 2.73 22.80
C GLN A 250 -4.17 1.78 23.40
N VAL A 251 -4.66 0.84 24.21
CA VAL A 251 -3.80 -0.07 24.95
C VAL A 251 -3.40 -1.28 24.13
N LEU A 252 -2.15 -1.28 23.66
CA LEU A 252 -1.56 -2.43 23.00
C LEU A 252 -0.56 -3.11 23.93
N SER A 253 -0.42 -4.41 23.81
CA SER A 253 0.57 -5.15 24.60
C SER A 253 1.96 -4.62 24.30
N GLN A 254 2.82 -4.64 25.31
CA GLN A 254 4.19 -4.15 25.17
C GLN A 254 4.97 -4.96 24.14
N GLU A 255 4.48 -6.17 23.87
CA GLU A 255 5.15 -7.07 22.94
C GLU A 255 4.84 -6.68 21.50
N PHE A 256 3.58 -6.30 21.25
CA PHE A 256 3.18 -5.80 19.94
C PHE A 256 3.86 -4.46 19.68
N THR A 257 3.92 -3.63 20.71
CA THR A 257 4.54 -2.32 20.64
C THR A 257 6.03 -2.43 20.29
N GLU A 258 6.71 -3.38 20.90
CA GLU A 258 8.13 -3.59 20.64
C GLU A 258 8.39 -4.11 19.23
N LEU A 259 7.42 -4.85 18.68
CA LEU A 259 7.55 -5.34 17.31
C LEU A 259 7.46 -4.17 16.33
N LEU A 260 6.48 -3.31 16.54
CA LEU A 260 6.33 -2.11 15.72
C LEU A 260 7.55 -1.21 15.86
N LYS A 261 8.10 -1.19 17.06
CA LYS A 261 9.24 -0.34 17.37
C LYS A 261 10.50 -0.74 16.60
N VAL A 262 10.76 -2.04 16.52
CA VAL A 262 11.95 -2.53 15.82
C VAL A 262 11.78 -2.41 14.31
N MET A 263 10.53 -2.35 13.86
CA MET A 263 10.24 -2.22 12.43
C MET A 263 10.63 -0.85 11.91
N ILE A 264 10.78 0.12 12.80
CA ILE A 264 11.22 1.45 12.41
C ILE A 264 12.59 1.77 12.98
N HIS A 265 13.37 0.73 13.26
CA HIS A 265 14.73 0.88 13.77
C HIS A 265 15.57 1.68 12.77
N PRO A 266 16.36 2.64 13.27
CA PRO A 266 17.26 3.47 12.45
C PRO A 266 18.13 2.64 11.52
N ASP A 267 18.60 1.50 12.02
CA ASP A 267 19.36 0.55 11.23
C ASP A 267 18.37 -0.40 10.55
N PRO A 268 18.23 -0.29 9.22
CA PRO A 268 17.27 -1.11 8.48
C PRO A 268 17.61 -2.59 8.54
N GLU A 269 18.86 -2.92 8.82
CA GLU A 269 19.28 -4.33 8.91
C GLU A 269 18.75 -4.99 10.19
N ARG A 270 18.36 -4.18 11.17
CA ARG A 270 17.82 -4.72 12.41
C ARG A 270 16.30 -4.88 12.32
N ARG A 271 15.70 -4.20 11.35
CA ARG A 271 14.29 -4.41 11.05
C ARG A 271 14.11 -5.81 10.49
N PRO A 272 13.03 -6.49 10.88
CA PRO A 272 12.80 -7.85 10.38
C PRO A 272 12.50 -7.84 8.89
N SER A 273 12.83 -8.92 8.19
CA SER A 273 12.41 -9.08 6.81
C SER A 273 10.91 -9.35 6.79
N ALA A 274 10.31 -9.39 5.61
CA ALA A 274 8.89 -9.67 5.50
C ALA A 274 8.60 -11.11 5.93
N MET A 275 9.49 -12.03 5.56
CA MET A 275 9.28 -13.44 5.86
C MET A 275 9.57 -13.74 7.33
N ALA A 276 10.40 -12.91 7.95
CA ALA A 276 10.65 -13.01 9.38
C ALA A 276 9.45 -12.45 10.14
N LEU A 277 8.83 -11.43 9.55
CA LEU A 277 7.67 -10.77 10.15
C LEU A 277 6.46 -11.69 10.22
N VAL A 278 6.18 -12.38 9.13
CA VAL A 278 5.00 -13.25 9.05
C VAL A 278 5.18 -14.50 9.91
N LYS A 279 6.40 -14.76 10.36
CA LYS A 279 6.69 -15.90 11.21
C LYS A 279 6.76 -15.51 12.68
N HIS A 280 6.54 -14.22 12.96
CA HIS A 280 6.71 -13.70 14.31
C HIS A 280 5.64 -14.23 15.27
N SER A 281 6.06 -14.48 16.51
CA SER A 281 5.21 -15.11 17.51
C SER A 281 3.99 -14.28 17.88
N VAL A 282 4.19 -12.97 18.05
CA VAL A 282 3.11 -12.09 18.49
C VAL A 282 2.01 -11.98 17.43
N LEU A 283 2.35 -12.28 16.18
CA LEU A 283 1.39 -12.18 15.09
C LEU A 283 0.63 -13.48 14.87
N LEU A 284 1.31 -14.61 15.05
CA LEU A 284 0.70 -15.93 14.83
C LEU A 284 -0.18 -16.35 16.01
N SER A 285 -1.48 -16.46 15.78
CA SER A 285 -2.07 -16.17 14.47
C SER A 285 -3.32 -15.31 14.63
#